data_1W58
#
_entry.id   1W58
#
_cell.length_a   161.160
_cell.length_b   161.160
_cell.length_c   161.160
_cell.angle_alpha   90.00
_cell.angle_beta   90.00
_cell.angle_gamma   90.00
#
_symmetry.space_group_name_H-M   'I 21 3'
#
loop_
_entity.id
_entity.type
_entity.pdbx_description
1 polymer 'CELL DIVISION PROTEIN FTSZ HOMOLOG 1'
2 non-polymer 'PHOSPHOMETHYLPHOSPHONIC ACID GUANYLATE ESTER'
3 non-polymer 'MAGNESIUM ION'
4 water water
#
_entity_poly.entity_id   1
_entity_poly.type   'polypeptide(L)'
_entity_poly.pdbx_seq_one_letter_code
;MKFLKNVLEEGSKLEEFNELELSPEDKELLEYLQQTKAKITVVGCGGAGNNTITRLKMEGIEGAKTVAINTDAQQLIRTK
ADKKILIGKKLTRGLGAGGNPKIGEEAAKESAEEIKAAIQDSDMVFITCGLGGGTGTGSAPVVAEISKKIGALTVAVVTL
PFVMEGKVRMKNAMEGLERLKQHTDTLVVIPNEKLFEIVPNMPLKLAFKVADEVLINAVKGLVELITKDGLINVDFADVK
AVMNNGGLAMIGIGESDSEKRAKEAVSMALNSPLLDVDIDGATGALIHVMGPEDLTLEEAREVVATVSSRLDPNATIIWG
ATIDENLENTVRVLLVITGVQSRIEFTDTGLKRKKLELTGIPKI
;
_entity_poly.pdbx_strand_id   1
#
loop_
_chem_comp.id
_chem_comp.type
_chem_comp.name
_chem_comp.formula
G2P non-polymer 'PHOSPHOMETHYLPHOSPHONIC ACID GUANYLATE ESTER' 'C11 H18 N5 O13 P3'
MG non-polymer 'MAGNESIUM ION' 'Mg 2'
#
# COMPACT_ATOMS: atom_id res chain seq x y z
N SER A 23 7.60 38.79 13.82
CA SER A 23 6.79 38.90 12.57
C SER A 23 6.12 37.58 12.18
N PRO A 24 4.80 37.60 11.92
CA PRO A 24 4.02 36.42 11.53
C PRO A 24 4.70 35.51 10.48
N GLU A 25 5.26 36.10 9.42
CA GLU A 25 5.94 35.31 8.38
C GLU A 25 7.18 34.61 8.91
N ASP A 26 8.05 35.39 9.54
CA ASP A 26 9.27 34.87 10.14
C ASP A 26 8.97 33.77 11.17
N LYS A 27 7.99 33.99 12.04
CA LYS A 27 7.63 33.01 13.07
C LYS A 27 7.16 31.73 12.43
N GLU A 28 6.50 31.89 11.30
CA GLU A 28 5.97 30.79 10.52
C GLU A 28 7.12 29.97 9.93
N LEU A 29 8.13 30.67 9.44
CA LEU A 29 9.32 30.05 8.87
C LEU A 29 10.12 29.27 9.94
N LEU A 30 10.24 29.85 11.14
CA LEU A 30 10.95 29.19 12.25
C LEU A 30 10.21 27.90 12.66
N GLU A 31 8.90 27.99 12.82
CA GLU A 31 8.08 26.84 13.19
C GLU A 31 8.26 25.69 12.22
N TYR A 32 8.34 26.01 10.93
CA TYR A 32 8.52 24.98 9.94
C TYR A 32 9.78 24.18 10.21
N LEU A 33 10.85 24.89 10.60
CA LEU A 33 12.09 24.20 10.86
C LEU A 33 11.96 23.23 12.05
N GLN A 34 11.02 23.50 12.96
CA GLN A 34 10.82 22.63 14.13
C GLN A 34 9.93 21.44 13.85
N GLN A 35 9.42 21.32 12.63
CA GLN A 35 8.54 20.21 12.32
C GLN A 35 9.27 18.93 12.57
N THR A 36 8.60 18.00 13.22
CA THR A 36 9.23 16.74 13.55
C THR A 36 8.78 15.49 12.78
N LYS A 37 7.50 15.41 12.45
CA LYS A 37 7.02 14.23 11.75
C LYS A 37 6.55 14.46 10.32
N ALA A 38 6.70 13.44 9.47
CA ALA A 38 6.27 13.55 8.09
C ALA A 38 4.74 13.55 8.06
N LYS A 39 4.17 14.40 7.24
CA LYS A 39 2.72 14.45 7.14
C LYS A 39 2.29 13.46 6.06
N ILE A 40 1.49 12.46 6.47
CA ILE A 40 1.00 11.40 5.57
C ILE A 40 -0.50 11.44 5.34
N THR A 41 -0.91 11.20 4.10
CA THR A 41 -2.32 11.16 3.76
C THR A 41 -2.64 9.85 3.06
N VAL A 42 -3.73 9.22 3.46
CA VAL A 42 -4.17 7.98 2.84
C VAL A 42 -5.45 8.29 2.08
N VAL A 43 -5.46 7.94 0.80
CA VAL A 43 -6.60 8.17 -0.10
C VAL A 43 -7.13 6.85 -0.62
N GLY A 44 -8.40 6.56 -0.30
CA GLY A 44 -9.02 5.32 -0.76
C GLY A 44 -10.03 5.64 -1.85
N CYS A 45 -9.94 4.95 -2.98
CA CYS A 45 -10.82 5.22 -4.12
C CYS A 45 -11.75 4.05 -4.48
N GLY A 46 -13.03 4.36 -4.65
CA GLY A 46 -13.98 3.33 -5.01
C GLY A 46 -14.49 2.60 -3.80
N GLY A 47 -15.30 1.57 -4.05
CA GLY A 47 -15.88 0.79 -2.95
C GLY A 47 -14.86 0.17 -2.02
N ALA A 48 -14.00 -0.71 -2.54
CA ALA A 48 -12.97 -1.35 -1.72
C ALA A 48 -12.08 -0.32 -1.02
N GLY A 49 -11.68 0.72 -1.73
CA GLY A 49 -10.84 1.72 -1.11
C GLY A 49 -11.50 2.47 0.03
N ASN A 50 -12.79 2.78 -0.12
CA ASN A 50 -13.53 3.49 0.91
C ASN A 50 -13.66 2.57 2.11
N ASN A 51 -13.91 1.28 1.86
CA ASN A 51 -14.03 0.33 2.94
C ASN A 51 -12.72 0.23 3.73
N THR A 52 -11.58 0.23 3.04
CA THR A 52 -10.29 0.19 3.74
C THR A 52 -10.14 1.47 4.57
N ILE A 53 -10.51 2.60 4.00
CA ILE A 53 -10.43 3.88 4.72
C ILE A 53 -11.30 3.87 6.00
N THR A 54 -12.53 3.41 5.88
CA THR A 54 -13.44 3.35 7.02
C THR A 54 -12.79 2.61 8.21
N ARG A 55 -12.12 1.50 7.93
CA ARG A 55 -11.46 0.71 8.97
C ARG A 55 -10.30 1.45 9.61
N LEU A 56 -9.41 2.01 8.77
CA LEU A 56 -8.25 2.75 9.27
C LEU A 56 -8.70 3.87 10.20
N LYS A 57 -9.75 4.59 9.82
CA LYS A 57 -10.26 5.68 10.64
C LYS A 57 -10.74 5.18 12.00
N MET A 58 -11.49 4.08 12.01
CA MET A 58 -12.01 3.54 13.27
C MET A 58 -10.92 2.91 14.12
N GLU A 59 -10.14 2.00 13.56
CA GLU A 59 -9.07 1.37 14.33
C GLU A 59 -7.95 2.35 14.62
N GLY A 60 -7.92 3.46 13.89
CA GLY A 60 -6.86 4.43 14.09
C GLY A 60 -5.61 4.10 13.28
N ILE A 61 -4.91 5.14 12.82
CA ILE A 61 -3.71 4.93 12.03
C ILE A 61 -2.71 6.05 12.29
N GLU A 62 -1.87 5.80 13.30
CA GLU A 62 -0.84 6.73 13.73
C GLU A 62 -0.41 7.81 12.74
N GLY A 63 -0.67 9.06 13.11
CA GLY A 63 -0.29 10.20 12.29
C GLY A 63 -0.45 10.14 10.78
N ALA A 64 -1.70 10.14 10.32
CA ALA A 64 -2.04 10.09 8.90
C ALA A 64 -3.51 10.46 8.71
N LYS A 65 -3.79 11.46 7.88
CA LYS A 65 -5.19 11.80 7.68
C LYS A 65 -5.76 10.90 6.60
N THR A 66 -7.07 10.71 6.65
CA THR A 66 -7.80 9.85 5.71
C THR A 66 -8.73 10.60 4.76
N VAL A 67 -8.55 10.33 3.47
CA VAL A 67 -9.36 10.93 2.42
C VAL A 67 -10.09 9.84 1.65
N ALA A 68 -11.41 9.95 1.52
CA ALA A 68 -12.18 8.95 0.79
C ALA A 68 -12.74 9.60 -0.46
N ILE A 69 -12.66 8.91 -1.61
CA ILE A 69 -13.23 9.47 -2.80
C ILE A 69 -14.02 8.45 -3.60
N ASN A 70 -15.17 8.90 -4.10
CA ASN A 70 -16.03 8.01 -4.84
C ASN A 70 -16.90 8.75 -5.83
N THR A 71 -17.36 7.97 -6.78
CA THR A 71 -18.22 8.42 -7.84
C THR A 71 -19.66 8.09 -7.36
N ASP A 72 -19.77 7.13 -6.43
CA ASP A 72 -21.03 6.65 -5.82
C ASP A 72 -21.35 7.36 -4.49
N ALA A 73 -22.37 8.21 -4.49
CA ALA A 73 -22.72 8.94 -3.28
C ALA A 73 -23.08 8.08 -2.05
N GLN A 74 -23.89 7.04 -2.26
CA GLN A 74 -24.31 6.19 -1.14
C GLN A 74 -23.12 5.57 -0.44
N GLN A 75 -22.18 5.06 -1.23
CA GLN A 75 -20.99 4.43 -0.66
C GLN A 75 -20.18 5.46 0.12
N LEU A 76 -20.12 6.68 -0.38
CA LEU A 76 -19.38 7.74 0.28
C LEU A 76 -20.07 8.14 1.58
N ILE A 77 -21.40 8.14 1.59
CA ILE A 77 -22.15 8.49 2.81
C ILE A 77 -21.87 7.51 3.94
N ARG A 78 -21.89 6.21 3.66
CA ARG A 78 -21.65 5.21 4.71
C ARG A 78 -20.17 4.98 5.06
N THR A 79 -19.30 5.81 4.50
CA THR A 79 -17.86 5.73 4.77
C THR A 79 -17.46 6.67 5.93
N LYS A 80 -16.43 6.29 6.65
CA LYS A 80 -15.93 7.14 7.75
C LYS A 80 -14.50 7.58 7.37
N ALA A 81 -14.27 8.89 7.31
CA ALA A 81 -12.97 9.43 6.94
C ALA A 81 -12.88 10.90 7.34
N ASP A 82 -11.65 11.41 7.43
CA ASP A 82 -11.47 12.82 7.79
C ASP A 82 -12.02 13.70 6.68
N LYS A 83 -11.91 13.26 5.43
CA LYS A 83 -12.37 14.05 4.29
C LYS A 83 -13.01 13.21 3.17
N LYS A 84 -14.18 13.63 2.70
CA LYS A 84 -14.85 12.92 1.62
C LYS A 84 -14.98 13.80 0.39
N ILE A 85 -14.78 13.22 -0.79
CA ILE A 85 -14.91 13.97 -2.02
C ILE A 85 -15.74 13.14 -3.03
N LEU A 86 -16.83 13.71 -3.52
CA LEU A 86 -17.65 13.05 -4.51
C LEU A 86 -17.07 13.51 -5.83
N ILE A 87 -16.48 12.61 -6.59
CA ILE A 87 -15.87 13.02 -7.85
C ILE A 87 -16.81 12.73 -9.01
N GLY A 88 -16.61 13.44 -10.12
CA GLY A 88 -17.44 13.26 -11.29
C GLY A 88 -18.88 13.70 -11.13
N LYS A 89 -19.14 14.72 -10.32
CA LYS A 89 -20.52 15.19 -10.12
C LYS A 89 -21.31 15.52 -11.37
N LYS A 90 -20.65 16.01 -12.40
CA LYS A 90 -21.35 16.35 -13.62
C LYS A 90 -21.48 15.15 -14.55
N LEU A 91 -20.45 14.31 -14.55
CA LEU A 91 -20.40 13.12 -15.40
C LEU A 91 -21.36 12.03 -14.91
N THR A 92 -21.03 11.41 -13.79
CA THR A 92 -21.86 10.40 -13.18
C THR A 92 -22.61 11.35 -12.30
N ARG A 93 -23.69 10.95 -11.67
CA ARG A 93 -24.32 11.98 -10.85
C ARG A 93 -24.49 11.48 -9.45
N GLY A 94 -23.36 11.06 -8.88
CA GLY A 94 -23.35 10.51 -7.55
C GLY A 94 -23.90 9.10 -7.62
N LEU A 95 -24.05 8.60 -8.84
CA LEU A 95 -24.62 7.28 -9.04
C LEU A 95 -23.64 6.21 -9.51
N GLY A 96 -22.39 6.25 -9.08
CA GLY A 96 -21.44 5.22 -9.48
C GLY A 96 -20.86 5.36 -10.88
N ALA A 97 -19.92 4.47 -11.22
CA ALA A 97 -19.30 4.50 -12.55
C ALA A 97 -19.58 3.23 -13.30
N GLY A 98 -20.39 2.36 -12.72
CA GLY A 98 -20.78 1.10 -13.34
C GLY A 98 -19.68 0.21 -13.88
N GLY A 99 -18.58 0.09 -13.16
CA GLY A 99 -17.49 -0.76 -13.60
C GLY A 99 -16.71 -0.29 -14.83
N ASN A 100 -16.85 0.96 -15.24
CA ASN A 100 -16.14 1.47 -16.43
C ASN A 100 -14.96 2.37 -16.07
N PRO A 101 -13.72 1.90 -16.28
CA PRO A 101 -12.49 2.66 -15.97
C PRO A 101 -12.41 4.07 -16.58
N LYS A 102 -12.86 4.21 -17.83
CA LYS A 102 -12.83 5.49 -18.51
C LYS A 102 -13.71 6.50 -17.84
N ILE A 103 -14.80 6.05 -17.22
CA ILE A 103 -15.68 6.97 -16.53
C ILE A 103 -14.98 7.40 -15.22
N GLY A 104 -14.41 6.44 -14.51
CA GLY A 104 -13.73 6.78 -13.27
C GLY A 104 -12.62 7.81 -13.46
N GLU A 105 -11.90 7.65 -14.56
CA GLU A 105 -10.82 8.57 -14.95
C GLU A 105 -11.31 10.00 -15.27
N GLU A 106 -12.32 10.14 -16.15
CA GLU A 106 -12.85 11.47 -16.48
C GLU A 106 -13.45 12.14 -15.24
N ALA A 107 -14.08 11.34 -14.37
CA ALA A 107 -14.65 11.88 -13.15
C ALA A 107 -13.53 12.46 -12.27
N ALA A 108 -12.40 11.76 -12.17
CA ALA A 108 -11.29 12.24 -11.35
C ALA A 108 -10.66 13.47 -11.96
N LYS A 109 -10.46 13.46 -13.28
CA LYS A 109 -9.89 14.62 -13.95
C LYS A 109 -10.82 15.81 -13.74
N GLU A 110 -12.12 15.56 -13.81
CA GLU A 110 -13.09 16.60 -13.62
C GLU A 110 -13.01 17.25 -12.23
N SER A 111 -12.63 16.48 -11.20
CA SER A 111 -12.53 17.04 -9.85
C SER A 111 -11.06 17.19 -9.35
N ALA A 112 -10.12 17.28 -10.28
CA ALA A 112 -8.71 17.39 -9.95
C ALA A 112 -8.37 18.48 -8.94
N GLU A 113 -9.02 19.63 -9.07
CA GLU A 113 -8.78 20.74 -8.16
C GLU A 113 -9.09 20.36 -6.71
N GLU A 114 -10.24 19.74 -6.48
CA GLU A 114 -10.61 19.33 -5.11
C GLU A 114 -9.71 18.22 -4.60
N ILE A 115 -9.29 17.32 -5.49
CA ILE A 115 -8.44 16.22 -5.06
C ILE A 115 -7.12 16.83 -4.58
N LYS A 116 -6.56 17.73 -5.40
CA LYS A 116 -5.29 18.40 -5.11
C LYS A 116 -5.28 19.14 -3.77
N ALA A 117 -6.30 19.95 -3.51
CA ALA A 117 -6.40 20.71 -2.27
C ALA A 117 -6.48 19.81 -1.05
N ALA A 118 -6.94 18.58 -1.24
CA ALA A 118 -7.07 17.65 -0.12
C ALA A 118 -5.76 16.99 0.26
N ILE A 119 -4.79 16.96 -0.66
CA ILE A 119 -3.51 16.35 -0.39
C ILE A 119 -2.35 17.35 -0.52
N GLN A 120 -2.69 18.61 -0.78
CA GLN A 120 -1.72 19.69 -0.99
C GLN A 120 -0.54 19.81 -0.03
N ASP A 121 -0.80 19.70 1.27
CA ASP A 121 0.26 19.83 2.28
C ASP A 121 0.92 18.52 2.75
N SER A 122 0.75 17.43 1.99
CA SER A 122 1.30 16.13 2.36
C SER A 122 2.72 15.90 1.90
N ASP A 123 3.53 15.35 2.80
CA ASP A 123 4.92 15.01 2.51
C ASP A 123 4.89 13.67 1.80
N MET A 124 3.87 12.87 2.11
CA MET A 124 3.71 11.54 1.53
C MET A 124 2.23 11.21 1.33
N VAL A 125 1.93 10.53 0.22
CA VAL A 125 0.57 10.13 -0.13
C VAL A 125 0.49 8.65 -0.51
N PHE A 126 -0.44 7.96 0.14
CA PHE A 126 -0.69 6.53 -0.09
C PHE A 126 -2.02 6.48 -0.85
N ILE A 127 -2.03 5.79 -1.98
CA ILE A 127 -3.23 5.66 -2.78
C ILE A 127 -3.66 4.18 -2.72
N THR A 128 -4.84 3.90 -2.16
CA THR A 128 -5.28 2.51 -2.07
C THR A 128 -6.68 2.29 -2.63
N CYS A 129 -6.86 1.13 -3.26
CA CYS A 129 -8.13 0.72 -3.85
C CYS A 129 -8.02 -0.74 -4.34
N GLY A 130 -9.15 -1.33 -4.70
CA GLY A 130 -9.10 -2.68 -5.24
C GLY A 130 -9.27 -2.44 -6.72
N LEU A 131 -8.35 -2.88 -7.57
CA LEU A 131 -8.51 -2.60 -9.00
C LEU A 131 -9.47 -3.62 -9.59
N GLY A 132 -10.19 -3.22 -10.64
CA GLY A 132 -11.12 -4.12 -11.28
C GLY A 132 -12.42 -3.47 -11.69
N GLY A 133 -12.87 -2.51 -10.88
CA GLY A 133 -14.10 -1.81 -11.18
C GLY A 133 -13.83 -0.52 -11.96
N GLY A 134 -14.75 0.43 -11.87
CA GLY A 134 -14.59 1.66 -12.62
C GLY A 134 -14.03 2.86 -11.90
N THR A 135 -14.39 3.08 -10.64
CA THR A 135 -13.93 4.25 -9.91
C THR A 135 -12.48 4.17 -9.44
N GLY A 136 -12.12 3.07 -8.78
CA GLY A 136 -10.76 2.92 -8.30
C GLY A 136 -9.73 2.79 -9.41
N THR A 137 -10.00 1.91 -10.37
CA THR A 137 -9.11 1.66 -11.49
C THR A 137 -8.87 2.89 -12.33
N GLY A 138 -9.92 3.69 -12.50
CA GLY A 138 -9.80 4.89 -13.31
C GLY A 138 -9.26 6.09 -12.56
N SER A 139 -9.69 6.31 -11.31
CA SER A 139 -9.22 7.48 -10.56
C SER A 139 -7.85 7.38 -9.84
N ALA A 140 -7.43 6.18 -9.47
CA ALA A 140 -6.13 6.01 -8.78
C ALA A 140 -4.95 6.67 -9.53
N PRO A 141 -4.77 6.40 -10.85
CA PRO A 141 -3.67 6.99 -11.62
C PRO A 141 -3.73 8.52 -11.68
N VAL A 142 -4.93 9.05 -11.57
CA VAL A 142 -5.16 10.49 -11.62
C VAL A 142 -4.76 11.08 -10.29
N VAL A 143 -5.18 10.44 -9.20
CA VAL A 143 -4.81 10.92 -7.87
C VAL A 143 -3.27 10.86 -7.73
N ALA A 144 -2.66 9.79 -8.24
CA ALA A 144 -1.21 9.64 -8.15
C ALA A 144 -0.46 10.71 -8.95
N GLU A 145 -0.97 11.06 -10.12
CA GLU A 145 -0.36 12.10 -10.94
C GLU A 145 -0.43 13.48 -10.28
N ILE A 146 -1.53 13.79 -9.61
CA ILE A 146 -1.69 15.07 -8.92
C ILE A 146 -0.68 15.09 -7.75
N SER A 147 -0.54 13.95 -7.08
CA SER A 147 0.34 13.81 -5.92
C SER A 147 1.79 14.09 -6.29
N LYS A 148 2.26 13.50 -7.38
CA LYS A 148 3.62 13.72 -7.82
C LYS A 148 3.83 15.17 -8.24
N LYS A 149 2.83 15.75 -8.90
CA LYS A 149 2.93 17.12 -9.35
C LYS A 149 3.21 18.05 -8.17
N ILE A 150 2.59 17.78 -7.03
CA ILE A 150 2.82 18.67 -5.89
C ILE A 150 4.09 18.37 -5.08
N GLY A 151 4.79 17.30 -5.44
CA GLY A 151 6.03 16.98 -4.75
C GLY A 151 6.03 15.95 -3.61
N ALA A 152 4.90 15.29 -3.38
CA ALA A 152 4.81 14.29 -2.30
C ALA A 152 5.33 12.93 -2.74
N LEU A 153 5.82 12.14 -1.78
CA LEU A 153 6.31 10.80 -2.09
C LEU A 153 4.99 10.10 -2.34
N THR A 154 4.88 9.47 -3.51
CA THR A 154 3.65 8.84 -3.96
C THR A 154 3.68 7.30 -4.03
N VAL A 155 3.00 6.68 -3.07
CA VAL A 155 2.93 5.23 -2.99
C VAL A 155 1.50 4.70 -3.08
N ALA A 156 1.38 3.64 -3.86
CA ALA A 156 0.10 2.98 -4.07
C ALA A 156 0.15 1.56 -3.50
N VAL A 157 -0.94 1.16 -2.85
CA VAL A 157 -1.09 -0.21 -2.30
C VAL A 157 -2.50 -0.65 -2.81
N VAL A 158 -2.49 -1.52 -3.81
CA VAL A 158 -3.69 -2.00 -4.47
C VAL A 158 -3.74 -3.53 -4.66
N THR A 159 -4.96 -4.05 -4.88
CA THR A 159 -5.13 -5.48 -5.10
C THR A 159 -5.61 -5.78 -6.52
N LEU A 160 -5.28 -6.96 -6.99
CA LEU A 160 -5.71 -7.45 -8.29
C LEU A 160 -6.91 -8.35 -7.90
N PRO A 161 -7.98 -8.40 -8.73
CA PRO A 161 -9.15 -9.24 -8.39
C PRO A 161 -8.94 -10.75 -8.39
N PHE A 162 -9.85 -11.49 -7.75
CA PHE A 162 -9.79 -12.97 -7.73
C PHE A 162 -10.08 -13.44 -9.16
N VAL A 163 -9.66 -14.64 -9.57
CA VAL A 163 -9.96 -15.06 -10.95
C VAL A 163 -11.45 -15.37 -11.15
N MET A 164 -12.10 -15.90 -10.12
CA MET A 164 -13.52 -16.19 -10.24
C MET A 164 -14.31 -14.93 -10.65
N GLU A 165 -13.73 -13.76 -10.47
CA GLU A 165 -14.42 -12.55 -10.84
C GLU A 165 -14.48 -12.43 -12.37
N GLY A 166 -13.63 -13.19 -13.06
CA GLY A 166 -13.65 -13.16 -14.52
C GLY A 166 -12.66 -12.33 -15.30
N LYS A 167 -12.62 -12.57 -16.60
CA LYS A 167 -11.70 -11.92 -17.51
C LYS A 167 -11.78 -10.42 -17.63
N VAL A 168 -12.98 -9.89 -17.79
CA VAL A 168 -13.13 -8.46 -17.96
C VAL A 168 -12.64 -7.69 -16.75
N ARG A 169 -12.88 -8.23 -15.57
CA ARG A 169 -12.47 -7.54 -14.38
C ARG A 169 -10.95 -7.55 -14.28
N MET A 170 -10.31 -8.62 -14.71
CA MET A 170 -8.85 -8.69 -14.63
C MET A 170 -8.19 -7.82 -15.68
N LYS A 171 -8.68 -7.87 -16.90
CA LYS A 171 -8.11 -7.06 -17.96
C LYS A 171 -8.14 -5.60 -17.58
N ASN A 172 -9.24 -5.13 -16.98
CA ASN A 172 -9.37 -3.74 -16.56
C ASN A 172 -8.40 -3.40 -15.43
N ALA A 173 -8.19 -4.37 -14.52
CA ALA A 173 -7.29 -4.22 -13.39
C ALA A 173 -5.86 -4.10 -13.91
N MET A 174 -5.48 -4.98 -14.84
CA MET A 174 -4.14 -4.94 -15.42
C MET A 174 -3.86 -3.62 -16.15
N GLU A 175 -4.79 -3.16 -16.97
CA GLU A 175 -4.59 -1.89 -17.67
C GLU A 175 -4.47 -0.74 -16.66
N GLY A 176 -5.18 -0.85 -15.54
CA GLY A 176 -5.08 0.20 -14.56
C GLY A 176 -3.72 0.15 -13.85
N LEU A 177 -3.19 -1.05 -13.63
CA LEU A 177 -1.90 -1.19 -12.95
C LEU A 177 -0.82 -0.55 -13.81
N GLU A 178 -0.90 -0.79 -15.11
CA GLU A 178 0.03 -0.22 -16.06
C GLU A 178 -0.02 1.31 -15.99
N ARG A 179 -1.21 1.88 -16.11
CA ARG A 179 -1.42 3.32 -16.06
C ARG A 179 -0.90 3.93 -14.77
N LEU A 180 -1.09 3.22 -13.66
CA LEU A 180 -0.70 3.67 -12.33
C LEU A 180 0.82 3.65 -12.08
N LYS A 181 1.51 2.75 -12.78
CA LYS A 181 2.95 2.57 -12.68
C LYS A 181 3.70 3.84 -13.09
N GLN A 182 3.17 4.51 -14.09
CA GLN A 182 3.75 5.73 -14.64
C GLN A 182 3.66 6.98 -13.80
N HIS A 183 2.85 6.98 -12.75
CA HIS A 183 2.71 8.18 -11.95
C HIS A 183 2.92 7.85 -10.50
N THR A 184 3.72 6.82 -10.26
CA THR A 184 3.92 6.38 -8.90
C THR A 184 5.42 6.18 -8.57
N ASP A 185 5.82 6.48 -7.33
CA ASP A 185 7.22 6.33 -6.87
C ASP A 185 7.46 4.85 -6.61
N THR A 186 6.61 4.25 -5.78
CA THR A 186 6.65 2.80 -5.61
C THR A 186 5.17 2.30 -5.68
N LEU A 187 4.96 1.22 -6.42
CA LEU A 187 3.65 0.61 -6.62
C LEU A 187 3.58 -0.80 -6.03
N VAL A 188 2.89 -0.93 -4.89
CA VAL A 188 2.72 -2.21 -4.18
C VAL A 188 1.45 -2.96 -4.60
N VAL A 189 1.61 -4.11 -5.29
CA VAL A 189 0.50 -4.98 -5.74
C VAL A 189 0.30 -6.25 -4.92
N ILE A 190 -0.94 -6.48 -4.47
CA ILE A 190 -1.33 -7.67 -3.72
C ILE A 190 -2.30 -8.45 -4.64
N PRO A 191 -1.89 -9.61 -5.17
CA PRO A 191 -2.82 -10.35 -6.05
C PRO A 191 -3.75 -11.21 -5.18
N ASN A 192 -5.02 -10.79 -5.01
CA ASN A 192 -5.99 -11.52 -4.18
C ASN A 192 -6.05 -13.03 -4.45
N GLU A 193 -5.80 -13.46 -5.68
CA GLU A 193 -5.86 -14.87 -5.99
C GLU A 193 -4.89 -15.73 -5.17
N LYS A 194 -3.77 -15.16 -4.75
CA LYS A 194 -2.79 -15.91 -3.97
C LYS A 194 -3.33 -16.21 -2.59
N LEU A 195 -4.32 -15.46 -2.15
CA LEU A 195 -4.89 -15.67 -0.83
C LEU A 195 -5.39 -17.10 -0.63
N PHE A 196 -5.70 -17.80 -1.73
CA PHE A 196 -6.18 -19.19 -1.64
C PHE A 196 -5.05 -20.14 -1.28
N GLU A 197 -3.81 -19.75 -1.58
CA GLU A 197 -2.65 -20.56 -1.23
C GLU A 197 -2.37 -20.43 0.25
N ILE A 198 -2.91 -19.40 0.89
CA ILE A 198 -2.70 -19.20 2.32
C ILE A 198 -3.76 -20.00 3.08
N VAL A 199 -4.99 -19.95 2.58
CA VAL A 199 -6.12 -20.67 3.16
C VAL A 199 -6.85 -21.30 1.98
N PRO A 200 -6.35 -22.46 1.50
CA PRO A 200 -6.81 -23.28 0.38
C PRO A 200 -8.31 -23.40 0.12
N ASN A 201 -9.05 -23.90 1.11
CA ASN A 201 -10.47 -24.03 0.94
C ASN A 201 -11.19 -22.98 1.76
N MET A 202 -11.40 -21.86 1.10
CA MET A 202 -12.04 -20.67 1.65
C MET A 202 -13.20 -20.34 0.72
N PRO A 203 -14.32 -19.82 1.27
CA PRO A 203 -15.52 -19.46 0.50
C PRO A 203 -15.44 -17.99 0.08
N LEU A 204 -16.10 -17.62 -1.02
CA LEU A 204 -16.07 -16.22 -1.45
C LEU A 204 -16.49 -15.31 -0.30
N LYS A 205 -17.36 -15.82 0.56
CA LYS A 205 -17.86 -15.06 1.70
C LYS A 205 -16.67 -14.44 2.43
N LEU A 206 -15.85 -15.32 2.99
CA LEU A 206 -14.66 -14.92 3.74
C LEU A 206 -13.52 -14.42 2.86
N ALA A 207 -13.64 -14.60 1.55
CA ALA A 207 -12.60 -14.17 0.63
C ALA A 207 -12.26 -12.71 0.84
N PHE A 208 -13.24 -11.84 0.56
CA PHE A 208 -13.07 -10.41 0.71
C PHE A 208 -12.85 -9.96 2.13
N LYS A 209 -13.01 -10.87 3.08
CA LYS A 209 -12.77 -10.53 4.47
C LYS A 209 -11.28 -10.71 4.75
N VAL A 210 -10.70 -11.72 4.13
CA VAL A 210 -9.27 -12.00 4.27
C VAL A 210 -8.52 -10.87 3.55
N ALA A 211 -8.96 -10.59 2.32
CA ALA A 211 -8.33 -9.54 1.54
C ALA A 211 -8.39 -8.22 2.30
N ASP A 212 -9.47 -7.99 3.03
CA ASP A 212 -9.56 -6.75 3.80
C ASP A 212 -8.43 -6.73 4.82
N GLU A 213 -8.29 -7.83 5.54
CA GLU A 213 -7.27 -7.96 6.57
C GLU A 213 -5.87 -7.66 6.03
N VAL A 214 -5.53 -8.33 4.93
CA VAL A 214 -4.24 -8.14 4.30
C VAL A 214 -4.01 -6.68 3.94
N LEU A 215 -4.97 -6.06 3.26
CA LEU A 215 -4.85 -4.65 2.89
C LEU A 215 -4.55 -3.77 4.09
N ILE A 216 -5.31 -3.92 5.18
CA ILE A 216 -5.06 -3.10 6.36
C ILE A 216 -3.68 -3.30 6.94
N ASN A 217 -3.22 -4.54 6.95
CA ASN A 217 -1.89 -4.81 7.49
C ASN A 217 -0.80 -4.22 6.64
N ALA A 218 -0.97 -4.26 5.33
CA ALA A 218 0.03 -3.70 4.45
C ALA A 218 0.07 -2.19 4.61
N VAL A 219 -1.07 -1.53 4.43
CA VAL A 219 -1.16 -0.08 4.53
C VAL A 219 -0.79 0.44 5.92
N LYS A 220 -1.35 -0.17 6.95
CA LYS A 220 -1.05 0.27 8.31
C LYS A 220 0.39 -0.08 8.71
N GLY A 221 0.89 -1.19 8.17
CA GLY A 221 2.25 -1.60 8.48
C GLY A 221 3.28 -0.64 7.92
N LEU A 222 3.04 -0.16 6.69
CA LEU A 222 3.94 0.77 6.04
C LEU A 222 3.84 2.11 6.73
N VAL A 223 2.62 2.59 6.96
CA VAL A 223 2.46 3.88 7.61
C VAL A 223 3.10 3.91 8.99
N GLU A 224 2.83 2.89 9.81
CA GLU A 224 3.41 2.88 11.16
C GLU A 224 4.92 2.73 11.13
N LEU A 225 5.43 1.97 10.18
CA LEU A 225 6.87 1.85 10.09
C LEU A 225 7.47 3.25 9.98
N ILE A 226 6.81 4.12 9.22
CA ILE A 226 7.28 5.50 9.00
C ILE A 226 6.93 6.44 10.12
N THR A 227 5.77 6.24 10.72
CA THR A 227 5.29 7.17 11.74
C THR A 227 5.19 6.76 13.21
N LYS A 228 5.32 5.48 13.52
CA LYS A 228 5.21 5.02 14.92
C LYS A 228 6.57 4.93 15.63
N ASP A 229 6.64 5.53 16.82
CA ASP A 229 7.86 5.53 17.63
C ASP A 229 8.22 4.09 18.01
N GLY A 230 9.42 3.66 17.62
CA GLY A 230 9.85 2.31 17.92
C GLY A 230 11.14 2.17 18.72
N LEU A 231 11.79 1.00 18.59
CA LEU A 231 13.03 0.72 19.30
C LEU A 231 14.26 1.22 18.54
N ILE A 232 14.03 1.78 17.37
CA ILE A 232 15.10 2.32 16.54
C ILE A 232 14.37 3.39 15.72
N ASN A 233 15.03 4.50 15.45
CA ASN A 233 14.38 5.53 14.68
C ASN A 233 14.54 5.33 13.18
N VAL A 234 13.43 5.45 12.45
CA VAL A 234 13.50 5.33 11.00
C VAL A 234 13.36 6.77 10.48
N ASP A 235 14.35 7.17 9.69
CA ASP A 235 14.44 8.52 9.13
C ASP A 235 13.70 8.67 7.79
N PHE A 236 12.71 9.58 7.77
CA PHE A 236 11.90 9.79 6.58
C PHE A 236 12.73 9.99 5.32
N ALA A 237 13.89 10.64 5.46
CA ALA A 237 14.74 10.88 4.30
C ALA A 237 15.28 9.60 3.69
N ASP A 238 15.41 8.54 4.50
CA ASP A 238 15.89 7.25 4.01
C ASP A 238 14.72 6.54 3.35
N VAL A 239 13.55 6.71 3.96
CA VAL A 239 12.32 6.13 3.46
C VAL A 239 12.10 6.64 2.03
N LYS A 240 12.29 7.95 1.86
CA LYS A 240 12.09 8.63 0.59
C LYS A 240 13.10 8.20 -0.46
N ALA A 241 14.34 7.98 -0.03
CA ALA A 241 15.39 7.57 -0.96
C ALA A 241 15.14 6.17 -1.51
N VAL A 242 14.66 5.26 -0.68
CA VAL A 242 14.39 3.91 -1.16
C VAL A 242 13.12 3.83 -2.03
N MET A 243 12.03 4.45 -1.56
CA MET A 243 10.76 4.42 -2.28
C MET A 243 10.72 5.29 -3.54
N ASN A 244 11.59 6.28 -3.58
CA ASN A 244 11.65 7.16 -4.73
C ASN A 244 11.80 6.35 -6.01
N ASN A 245 12.50 5.23 -5.95
CA ASN A 245 12.62 4.39 -7.13
C ASN A 245 12.28 2.94 -6.80
N GLY A 246 11.16 2.76 -6.11
CA GLY A 246 10.72 1.43 -5.75
C GLY A 246 10.09 0.65 -6.89
N GLY A 247 9.73 1.32 -7.98
CA GLY A 247 9.11 0.66 -9.13
C GLY A 247 7.93 -0.23 -8.74
N LEU A 248 7.95 -1.49 -9.16
CA LEU A 248 6.89 -2.44 -8.80
C LEU A 248 7.35 -3.14 -7.51
N ALA A 249 6.45 -3.26 -6.52
CA ALA A 249 6.77 -3.94 -5.25
C ALA A 249 5.74 -5.00 -4.86
N MET A 250 6.16 -5.96 -4.05
CA MET A 250 5.27 -7.04 -3.59
C MET A 250 5.52 -7.27 -2.12
N ILE A 251 4.56 -7.83 -1.41
CA ILE A 251 4.79 -8.06 0.00
C ILE A 251 4.80 -9.50 0.43
N GLY A 252 5.11 -9.68 1.71
CA GLY A 252 5.16 -11.00 2.32
C GLY A 252 4.81 -10.77 3.78
N ILE A 253 3.97 -11.63 4.35
CA ILE A 253 3.61 -11.49 5.75
C ILE A 253 3.83 -12.81 6.46
N GLY A 254 4.46 -12.72 7.63
CA GLY A 254 4.72 -13.89 8.44
C GLY A 254 4.68 -13.52 9.90
N GLU A 255 4.48 -14.50 10.77
CA GLU A 255 4.45 -14.25 12.21
C GLU A 255 4.59 -15.54 12.99
N SER A 256 5.29 -15.45 14.11
CA SER A 256 5.52 -16.60 14.96
C SER A 256 5.02 -16.38 16.38
N ASP A 257 4.47 -17.45 16.95
CA ASP A 257 3.92 -17.44 18.30
C ASP A 257 4.91 -18.09 19.26
N SER A 258 5.74 -18.96 18.69
CA SER A 258 6.76 -19.69 19.43
C SER A 258 7.67 -18.79 20.24
N GLU A 259 8.91 -19.23 20.41
CA GLU A 259 9.89 -18.44 21.14
C GLU A 259 11.11 -18.29 20.26
N LYS A 260 11.05 -18.95 19.10
CA LYS A 260 12.11 -18.83 18.11
C LYS A 260 11.50 -17.90 17.07
N ARG A 261 10.52 -17.13 17.56
CA ARG A 261 9.73 -16.13 16.82
C ARG A 261 10.35 -15.56 15.55
N ALA A 262 11.22 -14.58 15.73
CA ALA A 262 11.90 -13.92 14.63
C ALA A 262 12.23 -14.89 13.49
N LYS A 263 13.00 -15.93 13.80
CA LYS A 263 13.42 -16.92 12.81
C LYS A 263 12.25 -17.50 12.00
N GLU A 264 11.11 -17.69 12.65
CA GLU A 264 9.94 -18.26 11.99
C GLU A 264 9.08 -17.26 11.21
N ALA A 265 8.88 -16.07 11.79
CA ALA A 265 8.08 -15.03 11.15
C ALA A 265 8.73 -14.64 9.82
N VAL A 266 10.01 -14.35 9.86
CA VAL A 266 10.74 -13.97 8.66
C VAL A 266 10.74 -15.04 7.58
N SER A 267 10.86 -16.30 7.98
CA SER A 267 10.88 -17.39 7.01
C SER A 267 9.49 -17.54 6.38
N MET A 268 8.46 -17.36 7.20
CA MET A 268 7.08 -17.43 6.74
C MET A 268 6.85 -16.27 5.75
N ALA A 269 7.26 -15.06 6.14
CA ALA A 269 7.10 -13.88 5.30
C ALA A 269 7.80 -14.06 3.98
N LEU A 270 9.04 -14.55 4.02
CA LEU A 270 9.81 -14.77 2.80
C LEU A 270 9.23 -15.86 1.91
N ASN A 271 8.50 -16.80 2.50
CA ASN A 271 7.90 -17.89 1.71
C ASN A 271 6.44 -17.61 1.40
N SER A 272 5.97 -16.43 1.74
CA SER A 272 4.58 -16.07 1.50
C SER A 272 4.17 -16.15 0.04
N PRO A 273 3.00 -16.74 -0.24
CA PRO A 273 2.56 -16.83 -1.64
C PRO A 273 2.30 -15.42 -2.21
N LEU A 274 2.10 -14.46 -1.31
CA LEU A 274 1.90 -13.06 -1.69
C LEU A 274 3.15 -12.46 -2.36
N LEU A 275 4.33 -12.94 -1.97
CA LEU A 275 5.60 -12.47 -2.55
C LEU A 275 5.93 -13.33 -3.75
N ASP A 276 5.01 -13.36 -4.71
CA ASP A 276 5.17 -14.19 -5.89
C ASP A 276 6.16 -13.71 -6.98
N VAL A 277 7.44 -13.61 -6.65
CA VAL A 277 8.43 -13.18 -7.63
C VAL A 277 9.84 -13.58 -7.17
N ASP A 278 10.80 -13.63 -8.11
CA ASP A 278 12.18 -13.97 -7.79
C ASP A 278 12.82 -12.71 -7.22
N ILE A 279 13.13 -12.72 -5.92
CA ILE A 279 13.68 -11.54 -5.26
C ILE A 279 15.22 -11.40 -5.17
N ASP A 280 15.97 -12.34 -5.71
CA ASP A 280 17.43 -12.26 -5.61
C ASP A 280 18.02 -11.04 -6.31
N GLY A 281 17.29 -10.47 -7.26
CA GLY A 281 17.81 -9.32 -7.97
C GLY A 281 17.23 -8.02 -7.46
N ALA A 282 16.68 -8.04 -6.26
CA ALA A 282 16.09 -6.83 -5.71
C ALA A 282 17.04 -5.90 -4.98
N THR A 283 16.81 -4.61 -5.18
CA THR A 283 17.54 -3.56 -4.49
C THR A 283 16.44 -3.10 -3.56
N GLY A 284 16.72 -2.22 -2.62
CA GLY A 284 15.65 -1.76 -1.75
C GLY A 284 14.62 -2.72 -1.14
N ALA A 285 14.18 -2.39 0.07
CA ALA A 285 13.22 -3.21 0.77
C ALA A 285 12.89 -2.50 2.06
N LEU A 286 11.66 -2.66 2.54
CA LEU A 286 11.25 -2.06 3.80
C LEU A 286 10.85 -3.24 4.68
N ILE A 287 11.30 -3.24 5.93
CA ILE A 287 10.98 -4.32 6.84
C ILE A 287 10.43 -3.74 8.12
N HIS A 288 9.27 -4.25 8.55
CA HIS A 288 8.66 -3.78 9.77
C HIS A 288 8.37 -4.99 10.64
N VAL A 289 9.09 -5.07 11.76
CA VAL A 289 8.92 -6.17 12.69
C VAL A 289 8.06 -5.65 13.85
N MET A 290 6.98 -6.35 14.14
CA MET A 290 6.07 -5.96 15.21
C MET A 290 5.97 -7.08 16.24
N GLY A 291 5.71 -6.70 17.50
CA GLY A 291 5.60 -7.70 18.54
C GLY A 291 5.19 -7.10 19.86
N PRO A 292 5.24 -7.88 20.96
CA PRO A 292 4.88 -7.43 22.31
C PRO A 292 6.00 -6.67 23.02
N GLU A 293 5.72 -6.26 24.26
CA GLU A 293 6.67 -5.50 25.07
C GLU A 293 8.09 -6.09 25.11
N ASP A 294 8.20 -7.40 24.99
CA ASP A 294 9.48 -8.10 25.04
C ASP A 294 10.22 -8.17 23.71
N LEU A 295 9.85 -7.31 22.76
CA LEU A 295 10.53 -7.32 21.47
C LEU A 295 11.91 -6.73 21.68
N THR A 296 12.89 -7.23 20.94
CA THR A 296 14.25 -6.73 21.08
C THR A 296 14.90 -6.43 19.74
N LEU A 297 15.79 -5.43 19.73
CA LEU A 297 16.50 -5.04 18.51
C LEU A 297 17.28 -6.23 17.99
N GLU A 298 17.44 -7.23 18.85
CA GLU A 298 18.17 -8.44 18.49
C GLU A 298 17.38 -9.27 17.50
N GLU A 299 16.10 -9.45 17.79
CA GLU A 299 15.21 -10.23 16.93
C GLU A 299 15.00 -9.51 15.61
N ALA A 300 14.87 -8.19 15.68
CA ALA A 300 14.67 -7.36 14.50
C ALA A 300 15.86 -7.56 13.56
N ARG A 301 17.05 -7.47 14.13
CA ARG A 301 18.30 -7.63 13.39
C ARG A 301 18.42 -9.00 12.72
N GLU A 302 17.97 -10.05 13.41
CA GLU A 302 18.04 -11.40 12.85
C GLU A 302 17.14 -11.39 11.61
N VAL A 303 15.97 -10.76 11.76
CA VAL A 303 15.00 -10.64 10.67
C VAL A 303 15.68 -9.96 9.46
N VAL A 304 16.20 -8.76 9.71
CA VAL A 304 16.84 -7.99 8.66
C VAL A 304 17.94 -8.75 7.92
N ALA A 305 18.84 -9.40 8.66
CA ALA A 305 19.94 -10.13 8.04
C ALA A 305 19.51 -11.34 7.22
N THR A 306 18.46 -12.02 7.68
CA THR A 306 17.93 -13.18 6.97
C THR A 306 17.37 -12.72 5.62
N VAL A 307 16.75 -11.54 5.62
CA VAL A 307 16.18 -10.96 4.41
C VAL A 307 17.29 -10.36 3.58
N SER A 308 18.18 -9.64 4.26
CA SER A 308 19.30 -8.97 3.63
C SER A 308 20.15 -9.87 2.74
N SER A 309 20.22 -11.16 3.05
CA SER A 309 21.03 -12.09 2.27
C SER A 309 20.38 -12.61 1.00
N ARG A 310 19.06 -12.47 0.87
CA ARG A 310 18.37 -12.95 -0.32
C ARG A 310 18.32 -11.89 -1.42
N LEU A 311 18.55 -10.63 -1.05
CA LEU A 311 18.51 -9.50 -1.97
C LEU A 311 19.85 -9.28 -2.66
N ASP A 312 19.96 -8.18 -3.41
CA ASP A 312 21.20 -7.83 -4.08
C ASP A 312 22.16 -7.48 -2.96
N PRO A 313 23.46 -7.80 -3.13
CA PRO A 313 24.46 -7.49 -2.11
C PRO A 313 24.54 -6.01 -1.76
N ASN A 314 24.03 -5.16 -2.64
CA ASN A 314 24.06 -3.71 -2.39
C ASN A 314 22.68 -3.08 -2.16
N ALA A 315 21.68 -3.91 -1.95
CA ALA A 315 20.33 -3.40 -1.73
C ALA A 315 20.27 -2.49 -0.52
N THR A 316 19.39 -1.50 -0.57
CA THR A 316 19.23 -0.61 0.56
C THR A 316 18.03 -1.12 1.32
N ILE A 317 18.17 -1.29 2.63
CA ILE A 317 17.07 -1.78 3.44
C ILE A 317 16.68 -0.75 4.48
N ILE A 318 15.39 -0.51 4.62
CA ILE A 318 14.89 0.42 5.61
C ILE A 318 14.07 -0.44 6.55
N TRP A 319 14.30 -0.29 7.85
CA TRP A 319 13.57 -1.11 8.80
C TRP A 319 13.27 -0.43 10.13
N GLY A 320 12.34 -1.01 10.87
CA GLY A 320 11.96 -0.47 12.16
C GLY A 320 11.40 -1.60 12.98
N ALA A 321 11.04 -1.32 14.24
CA ALA A 321 10.49 -2.31 15.16
C ALA A 321 9.57 -1.62 16.14
N THR A 322 8.33 -2.09 16.19
CA THR A 322 7.35 -1.48 17.08
C THR A 322 6.65 -2.48 17.99
N ILE A 323 6.20 -2.00 19.14
CA ILE A 323 5.49 -2.82 20.11
C ILE A 323 4.00 -2.60 20.01
N ASP A 324 3.26 -3.69 19.90
CA ASP A 324 1.80 -3.64 19.79
C ASP A 324 1.15 -4.45 20.90
N GLU A 325 0.45 -3.76 21.80
CA GLU A 325 -0.24 -4.40 22.92
C GLU A 325 -1.07 -5.63 22.52
N ASN A 326 -1.93 -5.42 21.54
CA ASN A 326 -2.82 -6.46 21.05
C ASN A 326 -2.14 -7.73 20.53
N LEU A 327 -0.83 -7.68 20.34
CA LEU A 327 -0.11 -8.85 19.83
C LEU A 327 0.08 -9.94 20.88
N GLU A 328 -0.05 -9.56 22.16
CA GLU A 328 0.09 -10.48 23.28
C GLU A 328 1.40 -11.25 23.31
N ASN A 329 1.52 -12.30 22.50
CA ASN A 329 2.76 -13.05 22.51
C ASN A 329 3.24 -13.47 21.13
N THR A 330 3.15 -12.54 20.17
CA THR A 330 3.57 -12.84 18.80
C THR A 330 4.36 -11.70 18.16
N VAL A 331 5.25 -12.04 17.25
CA VAL A 331 6.01 -11.04 16.51
C VAL A 331 5.56 -11.20 15.05
N ARG A 332 5.10 -10.10 14.46
CA ARG A 332 4.65 -10.14 13.08
C ARG A 332 5.68 -9.44 12.22
N VAL A 333 5.92 -9.96 11.02
CA VAL A 333 6.89 -9.36 10.12
C VAL A 333 6.27 -8.97 8.78
N LEU A 334 6.46 -7.71 8.37
CA LEU A 334 5.96 -7.20 7.10
C LEU A 334 7.13 -6.91 6.21
N LEU A 335 7.15 -7.53 5.05
CA LEU A 335 8.22 -7.33 4.07
C LEU A 335 7.68 -6.70 2.79
N VAL A 336 8.31 -5.61 2.35
CA VAL A 336 7.94 -4.97 1.10
C VAL A 336 9.22 -4.95 0.30
N ILE A 337 9.25 -5.71 -0.78
CA ILE A 337 10.43 -5.77 -1.61
C ILE A 337 10.24 -5.03 -2.92
N THR A 338 11.08 -4.01 -3.13
CA THR A 338 10.99 -3.16 -4.32
C THR A 338 11.85 -3.47 -5.56
N GLY A 339 11.64 -2.70 -6.62
CA GLY A 339 12.38 -2.89 -7.86
C GLY A 339 12.24 -4.23 -8.56
N VAL A 340 11.12 -4.94 -8.40
CA VAL A 340 10.99 -6.24 -9.06
C VAL A 340 10.27 -6.24 -10.42
N GLN A 341 9.96 -5.06 -10.96
CA GLN A 341 9.23 -5.02 -12.23
C GLN A 341 9.86 -5.86 -13.35
N SER A 342 11.18 -5.85 -13.43
CA SER A 342 11.85 -6.59 -14.50
C SER A 342 11.61 -8.10 -14.36
N ARG A 343 11.29 -8.53 -13.14
CA ARG A 343 11.05 -9.94 -12.87
C ARG A 343 9.59 -10.39 -13.08
N ILE A 344 8.71 -9.46 -13.46
CA ILE A 344 7.28 -9.75 -13.66
C ILE A 344 6.80 -9.51 -15.07
N GLU A 345 5.77 -10.25 -15.47
CA GLU A 345 5.19 -10.11 -16.79
C GLU A 345 3.73 -9.67 -16.65
N PHE A 346 3.39 -8.53 -17.25
CA PHE A 346 2.03 -7.99 -17.20
C PHE A 346 1.20 -8.45 -18.38
N THR A 347 0.32 -9.42 -18.16
CA THR A 347 -0.55 -9.92 -19.24
C THR A 347 -1.97 -9.44 -18.99
N ASP A 348 -2.83 -9.63 -19.99
CA ASP A 348 -4.22 -9.25 -19.86
C ASP A 348 -4.90 -10.08 -18.77
N THR A 349 -4.33 -11.26 -18.49
CA THR A 349 -4.88 -12.19 -17.50
C THR A 349 -4.19 -12.19 -16.13
N GLY A 350 -3.28 -11.25 -15.90
CA GLY A 350 -2.63 -11.20 -14.60
C GLY A 350 -1.12 -11.08 -14.59
N LEU A 351 -0.56 -11.19 -13.39
CA LEU A 351 0.88 -11.14 -13.18
C LEU A 351 1.46 -12.55 -13.28
N LYS A 352 2.54 -12.69 -14.04
CA LYS A 352 3.23 -13.97 -14.20
C LYS A 352 4.74 -13.75 -14.02
N ARG A 353 5.38 -14.55 -13.18
CA ARG A 353 6.83 -14.43 -12.98
C ARG A 353 7.49 -14.47 -14.36
N LYS A 354 8.32 -13.48 -14.67
CA LYS A 354 8.96 -13.42 -15.99
C LYS A 354 9.87 -14.59 -16.31
N LYS A 355 9.92 -14.88 -17.62
CA LYS A 355 10.73 -15.96 -18.18
C LYS A 355 11.78 -15.37 -19.13
N LEU A 356 12.95 -15.05 -18.58
CA LEU A 356 14.07 -14.48 -19.33
C LEU A 356 14.49 -15.30 -20.56
N GLU A 357 14.88 -14.59 -21.61
CA GLU A 357 15.31 -15.19 -22.88
C GLU A 357 16.71 -15.80 -22.89
N LEU A 358 16.78 -17.05 -23.36
CA LEU A 358 18.04 -17.80 -23.45
C LEU A 358 18.99 -17.14 -24.42
N THR A 359 20.26 -17.53 -24.33
CA THR A 359 21.32 -17.00 -25.18
C THR A 359 21.03 -17.22 -26.67
N GLY A 360 20.48 -18.30 -26.99
PG G2P B . -17.63 1.21 -9.58
O1G G2P B . -17.83 1.21 -11.03
O2G G2P B . -18.61 0.34 -8.93
O3G G2P B . -17.95 2.60 -9.00
O3B G2P B . -16.05 0.84 -9.28
PB G2P B . -15.31 0.67 -7.80
O1B G2P B . -13.96 1.23 -7.86
O2B G2P B . -16.01 1.12 -6.63
C3A G2P B . -15.06 -1.09 -7.70
PA G2P B . -15.13 -1.77 -6.04
O1A G2P B . -14.51 -0.91 -5.02
O2A G2P B . -16.43 -2.36 -5.71
O5' G2P B . -14.03 -2.87 -6.35
C5' G2P B . -14.14 -3.89 -7.30
C4' G2P B . -12.90 -4.81 -7.14
O4' G2P B . -12.25 -4.62 -5.83
C3' G2P B . -13.34 -6.28 -7.24
O3' G2P B . -12.97 -6.74 -8.55
C2' G2P B . -12.65 -6.96 -6.07
O2' G2P B . -11.47 -7.64 -6.46
C1' G2P B . -12.27 -5.86 -5.07
N9 G2P B . -13.28 -5.75 -3.96
C8 G2P B . -14.66 -5.52 -4.03
N7 G2P B . -15.27 -5.46 -2.90
C5 G2P B . -14.26 -5.65 -1.94
C6 G2P B . -14.30 -5.70 -0.49
O6 G2P B . -15.28 -5.56 0.27
N1 G2P B . -13.03 -5.92 0.08
C2 G2P B . -11.85 -6.08 -0.64
N2 G2P B . -10.71 -6.29 0.05
N3 G2P B . -11.81 -6.04 -1.99
C4 G2P B . -13.03 -5.83 -2.59
MG MG C . -18.49 1.49 -6.48
#